data_7BTT
#
_entry.id   7BTT
#
_cell.length_a   51.525
_cell.length_b   57.441
_cell.length_c   105.404
_cell.angle_alpha   90.000
_cell.angle_beta   90.000
_cell.angle_gamma   90.000
#
_symmetry.space_group_name_H-M   'P 21 21 21'
#
loop_
_entity.id
_entity.type
_entity.pdbx_description
1 polymer 'ALK tyrosine kinase receptor'
2 non-polymer 2-(dimethylamino)-1-[5-methoxy-6-[[4-[(2-propan-2-ylsulfonylphenyl)amino]-5H-pyrrolo[3,2-d]pyrimidin-2-yl]amino]-2,3-dihydroindol-1-yl]ethanone
3 water water
#
_entity_poly.entity_id   1
_entity_poly.type   'polypeptide(L)'
_entity_poly.pdbx_seq_one_letter_code
;QGNPNYCFAGKTSSISDLKEVPRKNITLIRGLGHGAFGEVYEGQVSGMPNDPSPLQVAVKTLPEVCSEQDELDFLMEALI
ISKFNHQNIVRCIGVSLQSLPRFILLELMAGGDLKSFLRETRPRPSQPSSLAMLDLLHVARDIACGCQYLEENHFIHRDI
AARNCLLTCPGPGRVAKIGDFGMARDIYRAGYYRKGGCAMLPVKWMPPEAFMEGIFTSKTDTWSFGVLLWEIFSLGYMPY
PSKSNQEVLEFVTSGGRMDPPKNCPGPVYRIMTQCWQHQPEDRPNFAIILERIEYCTQDPDVINTALPIEYGPLVEEEEK
;
_entity_poly.pdbx_strand_id   A
#
# COMPACT_ATOMS: atom_id res chain seq x y z
N ASN A 3 -20.71 12.22 14.04
CA ASN A 3 -21.63 11.06 14.02
C ASN A 3 -20.85 9.72 14.18
N PRO A 4 -20.35 9.00 13.14
CA PRO A 4 -19.48 7.87 13.48
C PRO A 4 -18.19 8.35 14.14
N ASN A 5 -17.71 7.55 15.12
CA ASN A 5 -16.44 7.79 15.79
C ASN A 5 -15.37 6.89 15.19
N TYR A 6 -14.13 7.39 15.16
CA TYR A 6 -12.97 6.63 14.72
C TYR A 6 -11.91 6.71 15.80
N CYS A 7 -11.42 5.55 16.23
CA CYS A 7 -10.42 5.46 17.28
C CYS A 7 -9.11 4.93 16.69
N PHE A 8 -8.03 5.69 16.87
CA PHE A 8 -6.69 5.34 16.44
C PHE A 8 -5.74 5.81 17.51
N ALA A 9 -4.87 4.92 17.96
CA ALA A 9 -3.87 5.26 18.97
C ALA A 9 -4.53 5.82 20.22
N GLY A 10 -5.67 5.24 20.58
CA GLY A 10 -6.38 5.62 21.79
C GLY A 10 -7.04 6.98 21.78
N LYS A 11 -7.12 7.64 20.64
CA LYS A 11 -7.84 8.90 20.50
C LYS A 11 -9.03 8.69 19.59
N THR A 12 -10.14 9.34 19.92
CA THR A 12 -11.37 9.21 19.15
C THR A 12 -11.58 10.51 18.38
N SER A 13 -11.84 10.39 17.09
CA SER A 13 -12.10 11.56 16.26
C SER A 13 -13.41 11.34 15.50
N SER A 14 -13.95 12.44 14.98
CA SER A 14 -15.21 12.37 14.26
C SER A 14 -15.12 13.30 13.06
N ILE A 15 -16.16 13.25 12.22
CA ILE A 15 -16.22 14.13 11.06
C ILE A 15 -15.89 15.58 11.43
N SER A 16 -16.27 16.01 12.65
CA SER A 16 -15.99 17.38 13.08
C SER A 16 -14.51 17.70 13.18
N ASP A 17 -13.64 16.69 13.25
CA ASP A 17 -12.21 16.92 13.33
C ASP A 17 -11.52 17.00 11.98
N LEU A 18 -12.17 16.61 10.89
CA LEU A 18 -11.51 16.71 9.60
C LEU A 18 -11.37 18.18 9.20
N LYS A 19 -10.30 18.50 8.47
CA LYS A 19 -10.07 19.86 8.00
C LYS A 19 -10.92 20.09 6.75
N GLU A 20 -12.03 20.81 6.90
CA GLU A 20 -12.87 21.15 5.75
C GLU A 20 -12.23 22.29 4.97
N VAL A 21 -11.82 22.00 3.74
CA VAL A 21 -11.20 22.99 2.85
C VAL A 21 -12.29 23.64 1.99
N PRO A 22 -12.36 24.97 1.91
CA PRO A 22 -13.42 25.61 1.13
C PRO A 22 -13.36 25.19 -0.34
N ARG A 23 -14.52 24.81 -0.88
CA ARG A 23 -14.58 24.27 -2.24
C ARG A 23 -14.04 25.27 -3.26
N LYS A 24 -14.15 26.55 -2.97
CA LYS A 24 -13.67 27.55 -3.88
C LYS A 24 -12.15 27.47 -4.05
N ASN A 25 -11.46 26.92 -3.07
CA ASN A 25 -10.01 26.84 -3.12
C ASN A 25 -9.49 25.61 -3.87
N ILE A 26 -10.38 24.76 -4.37
CA ILE A 26 -10.04 23.48 -4.98
C ILE A 26 -10.20 23.60 -6.49
N THR A 27 -9.14 23.27 -7.23
CA THR A 27 -9.19 23.21 -8.68
C THR A 27 -8.77 21.84 -9.16
N LEU A 28 -9.63 21.19 -9.94
CA LEU A 28 -9.29 19.92 -10.58
C LEU A 28 -8.54 20.19 -11.87
N ILE A 29 -7.49 19.40 -12.13
CA ILE A 29 -6.61 19.59 -13.27
C ILE A 29 -6.84 18.54 -14.34
N ARG A 30 -6.82 17.26 -13.95
CA ARG A 30 -6.96 16.17 -14.89
C ARG A 30 -7.40 14.94 -14.14
N GLY A 31 -8.07 14.03 -14.85
CA GLY A 31 -8.42 12.75 -14.28
C GLY A 31 -7.24 11.79 -14.36
N LEU A 32 -7.07 11.00 -13.30
CA LEU A 32 -5.99 10.04 -13.24
C LEU A 32 -6.46 8.60 -13.32
N GLY A 33 -7.78 8.36 -13.31
CA GLY A 33 -8.34 7.03 -13.32
C GLY A 33 -9.31 6.83 -12.18
N HIS A 34 -9.84 5.62 -12.10
CA HIS A 34 -10.87 5.29 -11.12
C HIS A 34 -10.25 4.58 -9.92
N GLY A 35 -10.71 4.98 -8.73
CA GLY A 35 -10.44 4.23 -7.52
C GLY A 35 -11.53 3.21 -7.28
N ALA A 36 -11.50 2.61 -6.08
CA ALA A 36 -12.42 1.52 -5.76
C ALA A 36 -13.88 1.92 -5.94
N PHE A 37 -14.21 3.20 -5.73
CA PHE A 37 -15.56 3.69 -5.98
C PHE A 37 -15.47 5.20 -6.21
N GLY A 38 -15.11 5.57 -7.43
CA GLY A 38 -15.03 6.97 -7.82
C GLY A 38 -13.74 7.34 -8.53
N GLU A 39 -13.81 8.38 -9.34
CA GLU A 39 -12.65 8.87 -10.07
C GLU A 39 -11.67 9.58 -9.13
N VAL A 40 -10.39 9.56 -9.50
CA VAL A 40 -9.36 10.31 -8.78
C VAL A 40 -8.79 11.34 -9.74
N TYR A 41 -8.52 12.53 -9.22
CA TYR A 41 -8.07 13.65 -10.01
C TYR A 41 -6.77 14.20 -9.44
N GLU A 42 -5.97 14.79 -10.32
CA GLU A 42 -4.94 15.71 -9.89
C GLU A 42 -5.57 17.08 -9.66
N GLY A 43 -5.23 17.72 -8.54
CA GLY A 43 -5.85 18.97 -8.16
C GLY A 43 -4.87 19.94 -7.53
N GLN A 44 -5.42 21.10 -7.15
CA GLN A 44 -4.68 22.18 -6.50
C GLN A 44 -5.53 22.82 -5.42
N VAL A 45 -4.88 23.13 -4.30
CA VAL A 45 -5.50 23.86 -3.20
C VAL A 45 -4.71 25.15 -3.00
N SER A 46 -5.41 26.27 -2.90
CA SER A 46 -4.78 27.57 -2.68
C SER A 46 -4.77 27.95 -1.20
N PRO A 52 -0.64 31.32 -6.26
CA PRO A 52 0.80 31.52 -6.51
C PRO A 52 1.60 30.24 -6.39
N SER A 53 1.55 29.58 -5.23
CA SER A 53 2.22 28.30 -5.01
C SER A 53 1.26 27.35 -4.31
N PRO A 54 0.22 26.90 -5.02
CA PRO A 54 -0.79 26.04 -4.38
C PRO A 54 -0.24 24.66 -4.06
N LEU A 55 -0.90 24.00 -3.11
CA LEU A 55 -0.58 22.62 -2.81
C LEU A 55 -1.08 21.71 -3.94
N GLN A 56 -0.25 20.72 -4.29
CA GLN A 56 -0.63 19.71 -5.28
C GLN A 56 -1.25 18.52 -4.57
N VAL A 57 -2.46 18.13 -5.02
CA VAL A 57 -3.22 17.12 -4.32
C VAL A 57 -3.77 16.10 -5.31
N ALA A 58 -3.92 14.87 -4.82
CA ALA A 58 -4.81 13.90 -5.42
C ALA A 58 -6.18 14.08 -4.79
N VAL A 59 -7.23 14.11 -5.61
CA VAL A 59 -8.59 14.34 -5.15
C VAL A 59 -9.35 13.05 -5.35
N LYS A 60 -9.75 12.41 -4.26
CA LYS A 60 -10.65 11.28 -4.32
C LYS A 60 -12.07 11.81 -4.21
N THR A 61 -12.93 11.36 -5.10
CA THR A 61 -14.30 11.86 -5.14
C THR A 61 -15.26 10.76 -4.75
N LEU A 62 -16.36 11.17 -4.16
CA LEU A 62 -17.46 10.28 -3.86
C LEU A 62 -18.52 10.47 -4.91
N PRO A 63 -18.96 9.42 -5.61
CA PRO A 63 -20.03 9.59 -6.58
C PRO A 63 -21.28 10.15 -5.93
N GLU A 64 -21.93 11.08 -6.64
CA GLU A 64 -23.15 11.66 -6.14
C GLU A 64 -24.28 10.62 -6.09
N VAL A 65 -24.26 9.65 -7.00
CA VAL A 65 -25.18 8.51 -6.95
C VAL A 65 -24.48 7.43 -6.12
N CYS A 66 -24.84 7.34 -4.84
CA CYS A 66 -24.22 6.36 -3.96
C CYS A 66 -25.22 6.01 -2.87
N SER A 67 -24.85 5.02 -2.06
CA SER A 67 -25.70 4.57 -0.96
C SER A 67 -25.29 5.23 0.35
N GLU A 68 -26.14 5.03 1.37
CA GLU A 68 -25.80 5.44 2.73
C GLU A 68 -24.47 4.86 3.18
N GLN A 69 -24.21 3.59 2.84
CA GLN A 69 -22.99 2.93 3.30
C GLN A 69 -21.77 3.49 2.58
N ASP A 70 -21.92 3.82 1.30
CA ASP A 70 -20.82 4.45 0.57
C ASP A 70 -20.43 5.78 1.21
N GLU A 71 -21.43 6.60 1.55
CA GLU A 71 -21.18 7.85 2.26
C GLU A 71 -20.38 7.61 3.54
N LEU A 72 -20.73 6.57 4.29
CA LEU A 72 -20.03 6.30 5.55
C LEU A 72 -18.65 5.69 5.30
N ASP A 73 -18.54 4.85 4.27
CA ASP A 73 -17.24 4.36 3.84
C ASP A 73 -16.29 5.50 3.51
N PHE A 74 -16.82 6.54 2.85
CA PHE A 74 -16.02 7.68 2.43
C PHE A 74 -15.59 8.51 3.62
N LEU A 75 -16.52 8.79 4.53
CA LEU A 75 -16.18 9.45 5.78
C LEU A 75 -15.08 8.69 6.53
N MET A 76 -15.23 7.37 6.65
CA MET A 76 -14.26 6.62 7.46
C MET A 76 -12.88 6.61 6.81
N GLU A 77 -12.84 6.56 5.48
CA GLU A 77 -11.55 6.66 4.78
C GLU A 77 -10.85 7.97 5.14
N ALA A 78 -11.59 9.08 5.14
CA ALA A 78 -11.04 10.38 5.49
C ALA A 78 -10.53 10.37 6.93
N LEU A 79 -11.33 9.85 7.87
CA LEU A 79 -10.91 9.82 9.26
C LEU A 79 -9.63 9.01 9.43
N ILE A 80 -9.58 7.84 8.79
CA ILE A 80 -8.42 6.96 8.94
C ILE A 80 -7.15 7.66 8.47
N ILE A 81 -7.16 8.18 7.24
CA ILE A 81 -5.91 8.72 6.71
C ILE A 81 -5.56 10.04 7.40
N SER A 82 -6.57 10.78 7.90
CA SER A 82 -6.26 12.05 8.56
C SER A 82 -5.57 11.87 9.91
N LYS A 83 -5.75 10.73 10.57
CA LYS A 83 -5.15 10.53 11.89
C LYS A 83 -3.76 9.90 11.85
N PHE A 84 -3.32 9.38 10.70
CA PHE A 84 -1.93 8.95 10.58
C PHE A 84 -0.99 10.15 10.54
N ASN A 85 0.21 9.96 11.08
CA ASN A 85 1.28 10.98 11.03
C ASN A 85 2.61 10.28 10.79
N HIS A 86 2.94 10.02 9.52
CA HIS A 86 4.20 9.38 9.23
C HIS A 86 4.60 9.69 7.79
N GLN A 87 5.91 9.84 7.58
CA GLN A 87 6.42 10.25 6.28
C GLN A 87 6.26 9.18 5.20
N ASN A 88 6.00 7.92 5.56
CA ASN A 88 5.77 6.90 4.54
C ASN A 88 4.30 6.51 4.45
N ILE A 89 3.41 7.38 4.94
CA ILE A 89 1.98 7.26 4.70
C ILE A 89 1.54 8.58 4.08
N VAL A 90 0.82 8.48 2.95
CA VAL A 90 0.35 9.68 2.25
C VAL A 90 -0.38 10.60 3.22
N ARG A 91 -0.04 11.89 3.15
CA ARG A 91 -0.70 12.89 4.01
C ARG A 91 -2.10 13.21 3.48
N CYS A 92 -2.97 13.63 4.38
CA CYS A 92 -4.28 14.17 4.02
C CYS A 92 -4.26 15.67 4.22
N ILE A 93 -4.44 16.42 3.13
CA ILE A 93 -4.48 17.89 3.21
C ILE A 93 -5.77 18.35 3.85
N GLY A 94 -6.86 17.62 3.61
CA GLY A 94 -8.15 18.00 4.15
C GLY A 94 -9.23 17.26 3.40
N VAL A 95 -10.45 17.77 3.54
CA VAL A 95 -11.61 17.19 2.89
C VAL A 95 -12.46 18.34 2.36
N SER A 96 -13.39 18.00 1.50
CA SER A 96 -14.43 18.92 1.08
C SER A 96 -15.73 18.13 1.07
N LEU A 97 -16.33 17.97 2.26
CA LEU A 97 -17.52 17.14 2.42
C LEU A 97 -18.82 17.94 2.37
N GLN A 98 -18.74 19.27 2.35
CA GLN A 98 -19.93 20.11 2.43
C GLN A 98 -20.39 20.62 1.07
N SER A 99 -19.74 20.19 0.00
CA SER A 99 -20.21 20.40 -1.36
C SER A 99 -20.21 19.05 -2.07
N LEU A 100 -20.98 18.97 -3.15
CA LEU A 100 -21.17 17.75 -3.92
C LEU A 100 -20.53 17.90 -5.30
N PRO A 101 -19.77 16.90 -5.79
CA PRO A 101 -19.43 15.66 -5.09
C PRO A 101 -18.41 15.88 -3.98
N ARG A 102 -18.44 15.01 -2.98
CA ARG A 102 -17.54 15.16 -1.85
C ARG A 102 -16.11 14.77 -2.24
N PHE A 103 -15.14 15.48 -1.68
CA PHE A 103 -13.73 15.30 -1.96
C PHE A 103 -12.98 14.86 -0.70
N ILE A 104 -11.96 14.00 -0.89
CA ILE A 104 -10.86 13.85 0.06
C ILE A 104 -9.60 14.32 -0.65
N LEU A 105 -8.80 15.15 0.02
CA LEU A 105 -7.61 15.74 -0.60
C LEU A 105 -6.34 15.10 -0.01
N LEU A 106 -5.54 14.46 -0.86
CA LEU A 106 -4.36 13.73 -0.42
C LEU A 106 -3.09 14.31 -1.04
N GLU A 107 -1.97 14.08 -0.35
CA GLU A 107 -0.66 14.41 -0.89
C GLU A 107 -0.48 13.79 -2.28
N LEU A 108 -0.29 14.62 -3.30
CA LEU A 108 -0.17 14.11 -4.66
C LEU A 108 1.10 13.27 -4.79
N MET A 109 0.94 12.05 -5.28
CA MET A 109 2.07 11.13 -5.43
C MET A 109 2.33 11.00 -6.92
N ALA A 110 3.20 11.88 -7.43
CA ALA A 110 3.34 12.09 -8.87
C ALA A 110 3.95 10.90 -9.59
N GLY A 111 4.62 10.00 -8.87
CA GLY A 111 5.11 8.78 -9.48
C GLY A 111 4.06 7.71 -9.72
N GLY A 112 2.84 7.89 -9.21
CA GLY A 112 1.80 6.90 -9.43
C GLY A 112 1.96 5.70 -8.50
N ASP A 113 1.14 4.67 -8.73
CA ASP A 113 1.22 3.49 -7.89
C ASP A 113 2.47 2.66 -8.19
N LEU A 114 2.91 1.93 -7.16
CA LEU A 114 4.20 1.24 -7.20
C LEU A 114 4.19 0.07 -8.17
N LYS A 115 3.06 -0.62 -8.32
CA LYS A 115 3.05 -1.73 -9.27
C LYS A 115 3.22 -1.23 -10.69
N SER A 116 2.50 -0.17 -11.08
CA SER A 116 2.62 0.36 -12.42
C SER A 116 4.03 0.88 -12.65
N PHE A 117 4.58 1.56 -11.65
CA PHE A 117 5.93 2.10 -11.75
C PHE A 117 6.94 0.99 -12.04
N LEU A 118 6.88 -0.11 -11.28
CA LEU A 118 7.83 -1.20 -11.50
C LEU A 118 7.69 -1.77 -12.90
N ARG A 119 6.46 -2.00 -13.34
CA ARG A 119 6.25 -2.50 -14.70
C ARG A 119 6.76 -1.51 -15.74
N GLU A 120 6.47 -0.23 -15.55
CA GLU A 120 6.79 0.76 -16.59
C GLU A 120 8.26 1.15 -16.59
N THR A 121 8.92 1.03 -15.45
CA THR A 121 10.31 1.44 -15.32
C THR A 121 11.33 0.29 -15.33
N ARG A 122 10.90 -0.87 -15.78
CA ARG A 122 11.76 -2.02 -15.87
C ARG A 122 12.89 -1.72 -16.82
N PRO A 123 14.11 -2.17 -16.49
CA PRO A 123 15.20 -1.93 -17.42
C PRO A 123 14.92 -2.63 -18.73
N ARG A 124 15.24 -1.93 -19.81
CA ARG A 124 15.02 -2.41 -21.16
C ARG A 124 16.18 -2.01 -22.04
N PRO A 125 16.21 -2.49 -23.28
CA PRO A 125 17.32 -2.06 -24.13
C PRO A 125 17.31 -0.53 -24.32
N SER A 126 16.16 0.11 -24.48
CA SER A 126 16.13 1.55 -24.61
C SER A 126 16.62 2.31 -23.37
N GLN A 127 16.20 1.86 -22.19
CA GLN A 127 16.58 2.50 -20.94
C GLN A 127 17.11 1.42 -19.98
N PRO A 128 18.37 1.04 -20.19
CA PRO A 128 19.09 -0.02 -19.49
C PRO A 128 19.31 0.18 -18.00
N SER A 129 19.56 1.40 -17.58
CA SER A 129 19.84 1.70 -16.19
C SER A 129 18.69 2.43 -15.51
N SER A 130 17.47 2.14 -15.93
CA SER A 130 16.32 2.80 -15.35
C SER A 130 16.19 2.54 -13.85
N LEU A 131 16.51 1.33 -13.43
CA LEU A 131 16.40 0.93 -12.04
C LEU A 131 17.57 0.03 -11.66
N ALA A 132 17.95 0.06 -10.39
CA ALA A 132 18.98 -0.81 -9.84
C ALA A 132 18.49 -1.44 -8.54
N MET A 133 19.25 -2.43 -8.05
CA MET A 133 18.87 -3.13 -6.82
C MET A 133 18.70 -2.16 -5.65
N LEU A 134 19.49 -1.08 -5.59
CA LEU A 134 19.39 -0.15 -4.47
C LEU A 134 18.06 0.61 -4.50
N ASP A 135 17.56 0.96 -5.68
CA ASP A 135 16.24 1.59 -5.78
C ASP A 135 15.17 0.71 -5.18
N LEU A 136 15.23 -0.60 -5.47
CA LEU A 136 14.21 -1.52 -4.97
C LEU A 136 14.32 -1.67 -3.47
N LEU A 137 15.54 -1.74 -2.95
CA LEU A 137 15.75 -1.81 -1.51
C LEU A 137 15.26 -0.55 -0.81
N HIS A 138 15.44 0.63 -1.43
CA HIS A 138 14.94 1.85 -0.80
C HIS A 138 13.42 1.87 -0.75
N VAL A 139 12.77 1.44 -1.84
CA VAL A 139 11.31 1.31 -1.82
C VAL A 139 10.88 0.34 -0.73
N ALA A 140 11.55 -0.81 -0.64
CA ALA A 140 11.18 -1.78 0.38
C ALA A 140 11.34 -1.20 1.78
N ARG A 141 12.45 -0.49 2.02
CA ARG A 141 12.67 0.18 3.30
C ARG A 141 11.60 1.22 3.58
N ASP A 142 11.29 2.05 2.59
CA ASP A 142 10.25 3.08 2.76
C ASP A 142 8.95 2.45 3.27
N ILE A 143 8.49 1.39 2.61
CA ILE A 143 7.19 0.83 2.98
C ILE A 143 7.28 0.13 4.32
N ALA A 144 8.41 -0.53 4.59
CA ALA A 144 8.58 -1.18 5.89
C ALA A 144 8.56 -0.17 7.02
N CYS A 145 9.12 1.02 6.80
N CYS A 145 9.09 1.03 6.79
CA CYS A 145 9.03 2.07 7.83
CA CYS A 145 9.05 2.07 7.81
C CYS A 145 7.59 2.43 8.11
C CYS A 145 7.61 2.49 8.10
N GLY A 146 6.78 2.61 7.07
CA GLY A 146 5.37 2.89 7.30
C GLY A 146 4.64 1.72 7.95
N CYS A 147 5.01 0.49 7.59
CA CYS A 147 4.40 -0.68 8.23
C CYS A 147 4.80 -0.75 9.69
N GLN A 148 6.04 -0.37 10.00
CA GLN A 148 6.49 -0.36 11.40
C GLN A 148 5.70 0.65 12.21
N TYR A 149 5.42 1.82 11.62
CA TYR A 149 4.57 2.82 12.26
C TYR A 149 3.17 2.27 12.52
N LEU A 150 2.58 1.61 11.53
CA LEU A 150 1.27 1.00 11.76
C LEU A 150 1.33 -0.05 12.87
N GLU A 151 2.34 -0.93 12.82
CA GLU A 151 2.48 -1.97 13.82
C GLU A 151 2.65 -1.38 15.23
N GLU A 152 3.51 -0.39 15.39
CA GLU A 152 3.69 0.13 16.74
C GLU A 152 2.49 0.93 17.23
N ASN A 153 1.55 1.31 16.36
CA ASN A 153 0.28 1.88 16.77
C ASN A 153 -0.88 0.90 16.66
N HIS A 154 -0.57 -0.39 16.49
CA HIS A 154 -1.57 -1.47 16.60
C HIS A 154 -2.64 -1.37 15.52
N PHE A 155 -2.26 -0.88 14.35
CA PHE A 155 -3.16 -0.78 13.20
C PHE A 155 -2.77 -1.87 12.21
N ILE A 156 -3.71 -2.75 11.88
CA ILE A 156 -3.46 -3.82 10.93
C ILE A 156 -3.94 -3.34 9.56
N HIS A 157 -3.01 -3.24 8.61
CA HIS A 157 -3.38 -2.73 7.29
C HIS A 157 -4.26 -3.73 6.52
N ARG A 158 -3.90 -5.01 6.55
CA ARG A 158 -4.67 -6.10 5.92
C ARG A 158 -4.56 -6.19 4.40
N ASP A 159 -3.90 -5.23 3.75
CA ASP A 159 -3.86 -5.27 2.28
C ASP A 159 -2.57 -4.63 1.77
N ILE A 160 -1.44 -5.01 2.36
CA ILE A 160 -0.16 -4.45 1.94
C ILE A 160 0.21 -5.10 0.61
N ALA A 161 0.33 -4.28 -0.44
CA ALA A 161 0.51 -4.77 -1.80
C ALA A 161 0.97 -3.60 -2.63
N ALA A 162 1.69 -3.90 -3.71
CA ALA A 162 2.30 -2.83 -4.51
C ALA A 162 1.26 -1.87 -5.08
N ARG A 163 0.07 -2.37 -5.44
CA ARG A 163 -0.99 -1.52 -5.98
C ARG A 163 -1.48 -0.48 -4.98
N ASN A 164 -1.25 -0.70 -3.69
CA ASN A 164 -1.70 0.23 -2.65
C ASN A 164 -0.60 1.16 -2.16
N CYS A 165 0.58 1.08 -2.75
CA CYS A 165 1.70 1.96 -2.48
C CYS A 165 1.91 2.90 -3.65
N LEU A 166 2.45 4.09 -3.36
CA LEU A 166 2.62 5.15 -4.35
C LEU A 166 3.99 5.77 -4.19
N LEU A 167 4.44 6.47 -5.23
CA LEU A 167 5.73 7.14 -5.22
C LEU A 167 5.56 8.65 -5.38
N THR A 168 6.39 9.42 -4.68
CA THR A 168 6.29 10.87 -4.74
C THR A 168 6.55 11.38 -6.16
N CYS A 169 7.50 10.76 -6.85
CA CYS A 169 7.94 11.24 -8.16
C CYS A 169 8.54 10.06 -8.91
N PRO A 170 8.61 10.13 -10.25
CA PRO A 170 9.13 9.00 -11.02
C PRO A 170 10.65 8.82 -10.92
N GLY A 171 11.39 9.92 -10.80
CA GLY A 171 12.82 9.88 -10.95
C GLY A 171 13.54 9.64 -9.64
N PRO A 172 14.87 9.77 -9.67
CA PRO A 172 15.66 9.57 -8.45
C PRO A 172 15.17 10.47 -7.33
N GLY A 173 15.37 10.03 -6.08
CA GLY A 173 14.84 10.72 -4.94
C GLY A 173 13.43 10.33 -4.56
N ARG A 174 12.79 9.47 -5.34
CA ARG A 174 11.42 9.06 -5.06
C ARG A 174 11.33 8.46 -3.67
N VAL A 175 10.19 8.67 -3.04
CA VAL A 175 9.86 8.06 -1.76
C VAL A 175 8.58 7.28 -1.95
N ALA A 176 8.56 6.05 -1.44
CA ALA A 176 7.37 5.20 -1.49
C ALA A 176 6.58 5.31 -0.20
N LYS A 177 5.26 5.28 -0.32
CA LYS A 177 4.36 5.50 0.80
C LYS A 177 3.14 4.61 0.63
N ILE A 178 2.55 4.22 1.76
CA ILE A 178 1.27 3.52 1.75
C ILE A 178 0.18 4.54 1.48
N GLY A 179 -0.65 4.27 0.48
CA GLY A 179 -1.60 5.26 0.02
C GLY A 179 -3.05 4.83 0.08
N ASP A 180 -3.32 3.53 0.18
CA ASP A 180 -4.69 3.03 0.23
C ASP A 180 -4.94 2.27 1.54
N PHE A 181 -6.12 2.51 2.12
CA PHE A 181 -6.55 1.90 3.39
C PHE A 181 -7.99 1.38 3.29
N GLY A 182 -8.41 0.95 2.10
CA GLY A 182 -9.80 0.61 1.90
C GLY A 182 -10.20 -0.71 2.54
N MET A 183 -9.29 -1.69 2.53
CA MET A 183 -9.57 -2.94 3.24
C MET A 183 -9.74 -2.70 4.73
N ALA A 184 -8.79 -2.00 5.34
CA ALA A 184 -8.89 -1.67 6.77
C ALA A 184 -10.17 -0.91 7.04
N ARG A 185 -10.57 -0.01 6.13
CA ARG A 185 -11.78 0.76 6.32
C ARG A 185 -13.01 -0.14 6.30
N ASP A 186 -13.07 -1.07 5.34
CA ASP A 186 -14.19 -2.00 5.27
C ASP A 186 -14.31 -2.81 6.56
N ILE A 187 -13.19 -3.30 7.08
CA ILE A 187 -13.22 -4.10 8.30
C ILE A 187 -13.62 -3.25 9.49
N TYR A 188 -13.12 -2.02 9.56
CA TYR A 188 -13.45 -1.16 10.69
C TYR A 188 -14.95 -0.95 10.81
N ARG A 189 -15.61 -0.64 9.71
CA ARG A 189 -17.04 -0.38 9.76
C ARG A 189 -17.95 -1.54 10.16
N ALA A 190 -17.68 -2.72 9.62
CA ALA A 190 -18.52 -3.88 9.88
C ALA A 190 -17.85 -5.01 10.61
N GLY A 191 -16.53 -4.99 10.80
CA GLY A 191 -15.83 -6.11 11.42
C GLY A 191 -15.48 -7.25 10.49
N TYR A 192 -15.87 -7.19 9.22
CA TYR A 192 -15.63 -8.26 8.25
C TYR A 192 -15.78 -7.66 6.87
N TYR A 193 -15.57 -8.49 5.84
CA TYR A 193 -15.56 -8.02 4.46
C TYR A 193 -16.99 -8.06 3.91
N ARG A 194 -17.82 -7.19 4.48
CA ARG A 194 -19.20 -7.08 4.03
C ARG A 194 -19.29 -6.50 2.63
N LYS A 195 -18.54 -5.42 2.38
CA LYS A 195 -18.58 -4.76 1.09
C LYS A 195 -18.07 -5.66 -0.03
N GLY A 196 -17.08 -6.49 0.27
CA GLY A 196 -16.43 -7.30 -0.74
C GLY A 196 -17.00 -8.69 -0.84
N GLY A 197 -16.18 -9.58 -1.38
CA GLY A 197 -16.57 -10.98 -1.44
C GLY A 197 -15.33 -11.83 -1.49
N CYS A 198 -15.55 -13.15 -1.55
CA CYS A 198 -14.44 -14.08 -1.70
C CYS A 198 -13.63 -13.77 -2.96
N ALA A 199 -14.27 -13.37 -4.05
CA ALA A 199 -13.54 -13.10 -5.29
C ALA A 199 -12.80 -11.77 -5.24
N MET A 200 -13.11 -10.90 -4.28
CA MET A 200 -12.43 -9.62 -4.13
C MET A 200 -11.39 -9.63 -3.01
N LEU A 201 -11.29 -10.71 -2.25
CA LEU A 201 -10.29 -10.76 -1.20
C LEU A 201 -8.89 -10.84 -1.82
N PRO A 202 -7.92 -10.14 -1.24
CA PRO A 202 -6.55 -10.21 -1.75
C PRO A 202 -5.85 -11.49 -1.28
N VAL A 203 -6.39 -12.64 -1.75
CA VAL A 203 -5.94 -13.96 -1.33
C VAL A 203 -4.43 -14.11 -1.44
N LYS A 204 -3.86 -13.61 -2.54
CA LYS A 204 -2.45 -13.87 -2.82
C LYS A 204 -1.52 -13.09 -1.91
N TRP A 205 -2.05 -12.20 -1.08
CA TRP A 205 -1.27 -11.47 -0.08
C TRP A 205 -1.55 -11.92 1.35
N MET A 206 -2.39 -12.99 1.56
CA MET A 206 -2.81 -13.25 2.92
C MET A 206 -2.19 -14.51 3.52
N PRO A 207 -1.90 -14.52 4.82
CA PRO A 207 -1.33 -15.72 5.46
C PRO A 207 -2.42 -16.72 5.78
N PRO A 208 -2.06 -17.97 6.04
CA PRO A 208 -3.10 -19.02 6.25
C PRO A 208 -4.09 -18.71 7.35
N GLU A 209 -3.63 -18.28 8.52
CA GLU A 209 -4.58 -18.00 9.58
C GLU A 209 -5.55 -16.88 9.22
N ALA A 210 -5.18 -16.01 8.28
CA ALA A 210 -6.11 -14.95 7.87
C ALA A 210 -7.26 -15.51 7.04
N PHE A 211 -6.96 -16.23 5.96
CA PHE A 211 -8.09 -16.64 5.14
C PHE A 211 -8.77 -17.91 5.67
N MET A 212 -8.14 -18.62 6.61
CA MET A 212 -8.75 -19.81 7.22
C MET A 212 -9.64 -19.46 8.42
N GLU A 213 -9.07 -18.79 9.42
CA GLU A 213 -9.78 -18.44 10.64
C GLU A 213 -10.20 -16.98 10.70
N GLY A 214 -9.80 -16.15 9.73
CA GLY A 214 -10.14 -14.74 9.84
C GLY A 214 -9.46 -14.05 10.99
N ILE A 215 -8.32 -14.58 11.42
CA ILE A 215 -7.51 -14.00 12.49
C ILE A 215 -6.51 -13.06 11.87
N PHE A 216 -6.47 -11.82 12.35
CA PHE A 216 -5.58 -10.79 11.85
C PHE A 216 -4.79 -10.18 13.01
N THR A 217 -3.47 -10.07 12.83
CA THR A 217 -2.56 -9.43 13.77
C THR A 217 -1.58 -8.60 12.95
N SER A 218 -0.54 -8.03 13.58
CA SER A 218 0.47 -7.37 12.76
C SER A 218 1.33 -8.38 12.01
N LYS A 219 1.35 -9.63 12.48
CA LYS A 219 2.01 -10.69 11.71
C LYS A 219 1.27 -10.99 10.42
N THR A 220 0.01 -10.59 10.32
CA THR A 220 -0.68 -10.57 9.03
C THR A 220 0.07 -9.69 8.04
N ASP A 221 0.35 -8.45 8.44
CA ASP A 221 1.01 -7.52 7.53
C ASP A 221 2.44 -7.96 7.22
N THR A 222 3.10 -8.65 8.16
CA THR A 222 4.42 -9.19 7.86
C THR A 222 4.38 -10.11 6.66
N TRP A 223 3.40 -11.03 6.66
CA TRP A 223 3.26 -11.94 5.53
C TRP A 223 3.01 -11.17 4.24
N SER A 224 2.08 -10.20 4.28
CA SER A 224 1.77 -9.45 3.05
C SER A 224 2.99 -8.67 2.58
N PHE A 225 3.77 -8.14 3.52
CA PHE A 225 4.98 -7.42 3.13
C PHE A 225 5.96 -8.35 2.40
N GLY A 226 6.08 -9.60 2.85
CA GLY A 226 6.89 -10.55 2.10
C GLY A 226 6.45 -10.68 0.64
N VAL A 227 5.14 -10.72 0.41
CA VAL A 227 4.64 -10.78 -0.97
C VAL A 227 4.95 -9.47 -1.72
N LEU A 228 4.75 -8.32 -1.04
CA LEU A 228 5.15 -7.05 -1.64
C LEU A 228 6.63 -7.05 -2.01
N LEU A 229 7.48 -7.60 -1.14
CA LEU A 229 8.90 -7.73 -1.48
C LEU A 229 9.08 -8.53 -2.77
N TRP A 230 8.31 -9.61 -2.93
CA TRP A 230 8.40 -10.38 -4.16
C TRP A 230 7.94 -9.55 -5.35
N GLU A 231 6.84 -8.81 -5.18
CA GLU A 231 6.39 -7.91 -6.23
C GLU A 231 7.48 -6.92 -6.60
N ILE A 232 8.14 -6.36 -5.59
CA ILE A 232 9.16 -5.33 -5.84
C ILE A 232 10.32 -5.92 -6.62
N PHE A 233 10.86 -7.04 -6.14
CA PHE A 233 12.06 -7.59 -6.76
C PHE A 233 11.77 -8.35 -8.04
N SER A 234 10.53 -8.75 -8.28
CA SER A 234 10.13 -9.24 -9.59
C SER A 234 9.89 -8.13 -10.62
N LEU A 235 10.00 -6.86 -10.20
CA LEU A 235 9.68 -5.69 -11.04
C LEU A 235 8.22 -5.71 -11.50
N GLY A 236 7.31 -5.98 -10.56
CA GLY A 236 5.90 -5.77 -10.81
C GLY A 236 5.12 -6.94 -11.37
N TYR A 237 5.60 -8.17 -11.23
CA TYR A 237 4.81 -9.32 -11.62
C TYR A 237 3.69 -9.57 -10.63
N MET A 238 2.63 -10.21 -11.12
CA MET A 238 1.58 -10.72 -10.26
C MET A 238 2.10 -11.90 -9.45
N PRO A 239 1.88 -11.93 -8.13
CA PRO A 239 2.33 -13.07 -7.32
C PRO A 239 1.73 -14.39 -7.78
N TYR A 240 2.44 -15.47 -7.47
CA TYR A 240 2.05 -16.83 -7.85
C TYR A 240 1.62 -16.89 -9.32
N PRO A 241 2.57 -16.63 -10.27
CA PRO A 241 2.21 -16.25 -11.64
C PRO A 241 0.99 -16.93 -12.27
N SER A 242 1.04 -18.24 -12.45
CA SER A 242 -0.01 -18.92 -13.18
C SER A 242 -1.20 -19.33 -12.32
N LYS A 243 -1.17 -19.06 -11.02
CA LYS A 243 -2.11 -19.67 -10.10
C LYS A 243 -3.30 -18.74 -9.85
N SER A 244 -4.48 -19.35 -9.76
CA SER A 244 -5.68 -18.64 -9.34
C SER A 244 -5.68 -18.47 -7.82
N ASN A 245 -6.67 -17.71 -7.34
CA ASN A 245 -6.82 -17.47 -5.91
C ASN A 245 -6.95 -18.77 -5.13
N GLN A 246 -7.83 -19.68 -5.57
CA GLN A 246 -8.03 -20.92 -4.82
C GLN A 246 -6.80 -21.83 -4.92
N GLU A 247 -6.14 -21.86 -6.08
CA GLU A 247 -4.90 -22.64 -6.19
C GLU A 247 -3.86 -22.10 -5.23
N VAL A 248 -3.74 -20.76 -5.14
CA VAL A 248 -2.80 -20.15 -4.20
C VAL A 248 -3.17 -20.54 -2.78
N LEU A 249 -4.46 -20.41 -2.44
CA LEU A 249 -4.91 -20.77 -1.10
C LEU A 249 -4.46 -22.17 -0.73
N GLU A 250 -4.70 -23.14 -1.60
CA GLU A 250 -4.33 -24.52 -1.29
C GLU A 250 -2.82 -24.73 -1.32
N PHE A 251 -2.14 -24.06 -2.26
CA PHE A 251 -0.67 -24.14 -2.35
C PHE A 251 -0.03 -23.62 -1.06
N VAL A 252 -0.46 -22.44 -0.61
CA VAL A 252 0.14 -21.82 0.57
C VAL A 252 -0.19 -22.61 1.83
N THR A 253 -1.43 -23.10 1.94
CA THR A 253 -1.74 -23.87 3.14
C THR A 253 -1.01 -25.19 3.18
N SER A 254 -0.60 -25.73 2.02
CA SER A 254 0.18 -26.96 1.99
C SER A 254 1.66 -26.74 2.28
N GLY A 255 2.09 -25.50 2.52
CA GLY A 255 3.50 -25.16 2.69
C GLY A 255 4.18 -24.60 1.46
N GLY A 256 3.46 -24.47 0.35
CA GLY A 256 4.09 -23.99 -0.88
C GLY A 256 4.40 -22.50 -0.79
N ARG A 257 5.57 -22.12 -1.32
CA ARG A 257 6.00 -20.72 -1.34
C ARG A 257 6.51 -20.36 -2.73
N MET A 258 6.51 -19.06 -3.02
CA MET A 258 7.02 -18.60 -4.31
C MET A 258 8.53 -18.78 -4.40
N ASP A 259 8.99 -19.03 -5.64
CA ASP A 259 10.41 -19.05 -5.94
C ASP A 259 10.98 -17.63 -5.86
N PRO A 260 12.30 -17.47 -5.81
CA PRO A 260 12.88 -16.12 -5.90
C PRO A 260 12.55 -15.47 -7.23
N PRO A 261 12.26 -14.16 -7.24
CA PRO A 261 12.17 -13.44 -8.52
C PRO A 261 13.48 -13.57 -9.28
N LYS A 262 13.42 -13.31 -10.58
CA LYS A 262 14.60 -13.45 -11.41
C LYS A 262 15.74 -12.55 -10.92
N ASN A 263 16.91 -13.14 -10.75
CA ASN A 263 18.14 -12.47 -10.31
C ASN A 263 18.09 -12.00 -8.86
N CYS A 264 17.11 -12.43 -8.09
CA CYS A 264 16.97 -11.92 -6.73
C CYS A 264 18.13 -12.37 -5.86
N PRO A 265 18.81 -11.46 -5.15
CA PRO A 265 19.87 -11.90 -4.24
C PRO A 265 19.31 -12.75 -3.11
N GLY A 266 20.08 -13.77 -2.75
CA GLY A 266 19.75 -14.65 -1.65
C GLY A 266 19.30 -13.96 -0.37
N PRO A 267 20.09 -13.01 0.14
CA PRO A 267 19.66 -12.31 1.36
C PRO A 267 18.29 -11.66 1.25
N VAL A 268 17.93 -11.16 0.07
CA VAL A 268 16.60 -10.58 -0.10
C VAL A 268 15.55 -11.66 -0.10
N TYR A 269 15.77 -12.72 -0.89
CA TYR A 269 14.84 -13.85 -0.88
C TYR A 269 14.63 -14.37 0.53
N ARG A 270 15.69 -14.37 1.36
CA ARG A 270 15.54 -14.93 2.70
C ARG A 270 14.66 -14.06 3.60
N ILE A 271 14.60 -12.76 3.34
CA ILE A 271 13.62 -11.93 4.04
C ILE A 271 12.20 -12.38 3.69
N MET A 272 11.94 -12.58 2.39
CA MET A 272 10.64 -13.08 1.95
C MET A 272 10.27 -14.36 2.68
N THR A 273 11.18 -15.34 2.69
CA THR A 273 10.81 -16.64 3.26
C THR A 273 10.62 -16.54 4.77
N GLN A 274 11.29 -15.59 5.43
CA GLN A 274 11.03 -15.38 6.85
C GLN A 274 9.66 -14.76 7.06
N CYS A 275 9.26 -13.85 6.16
CA CYS A 275 7.92 -13.27 6.24
C CYS A 275 6.82 -14.31 6.04
N TRP A 276 7.14 -15.39 5.33
CA TRP A 276 6.15 -16.41 4.96
C TRP A 276 6.20 -17.63 5.87
N GLN A 277 6.74 -17.52 7.08
CA GLN A 277 6.67 -18.66 8.00
C GLN A 277 5.22 -18.97 8.32
N HIS A 278 4.90 -20.27 8.41
CA HIS A 278 3.52 -20.68 8.64
C HIS A 278 2.99 -20.14 9.97
N GLN A 279 3.76 -20.27 11.04
CA GLN A 279 3.33 -19.79 12.35
C GLN A 279 3.59 -18.28 12.46
N PRO A 280 2.60 -17.50 12.85
CA PRO A 280 2.81 -16.05 12.97
C PRO A 280 3.96 -15.70 13.91
N GLU A 281 4.09 -16.41 15.04
CA GLU A 281 5.18 -16.15 15.97
C GLU A 281 6.56 -16.36 15.36
N ASP A 282 6.68 -17.11 14.26
CA ASP A 282 7.98 -17.29 13.62
C ASP A 282 8.30 -16.20 12.60
N ARG A 283 7.34 -15.35 12.28
CA ARG A 283 7.60 -14.26 11.36
C ARG A 283 8.24 -13.09 12.09
N PRO A 284 9.08 -12.32 11.42
CA PRO A 284 9.70 -11.17 12.08
C PRO A 284 8.73 -10.01 12.17
N ASN A 285 8.94 -9.17 13.17
CA ASN A 285 8.21 -7.91 13.24
C ASN A 285 8.88 -6.91 12.29
N PHE A 286 8.31 -5.73 12.16
CA PHE A 286 8.85 -4.82 11.15
C PHE A 286 10.15 -4.16 11.59
N ALA A 287 10.42 -4.09 12.89
CA ALA A 287 11.75 -3.64 13.31
C ALA A 287 12.83 -4.59 12.79
N ILE A 288 12.58 -5.89 12.89
CA ILE A 288 13.56 -6.87 12.40
C ILE A 288 13.65 -6.83 10.87
N ILE A 289 12.50 -6.75 10.19
CA ILE A 289 12.50 -6.64 8.73
C ILE A 289 13.35 -5.46 8.29
N LEU A 290 13.20 -4.31 8.99
CA LEU A 290 13.96 -3.11 8.64
C LEU A 290 15.45 -3.33 8.82
N GLU A 291 15.84 -3.98 9.93
CA GLU A 291 17.25 -4.29 10.13
C GLU A 291 17.79 -5.12 8.98
N ARG A 292 17.01 -6.11 8.53
CA ARG A 292 17.50 -7.02 7.50
C ARG A 292 17.56 -6.34 6.15
N ILE A 293 16.59 -5.46 5.86
CA ILE A 293 16.67 -4.66 4.64
C ILE A 293 17.89 -3.76 4.69
N GLU A 294 18.13 -3.11 5.82
CA GLU A 294 19.29 -2.23 5.95
C GLU A 294 20.58 -3.01 5.73
N TYR A 295 20.64 -4.26 6.18
CA TYR A 295 21.84 -5.07 6.01
C TYR A 295 22.04 -5.45 4.55
N CYS A 296 20.95 -5.77 3.83
CA CYS A 296 21.06 -6.01 2.39
C CYS A 296 21.57 -4.77 1.65
N THR A 297 21.16 -3.57 2.07
CA THR A 297 21.60 -2.37 1.38
C THR A 297 23.09 -2.13 1.58
N GLN A 298 23.65 -2.58 2.71
CA GLN A 298 25.09 -2.46 2.97
C GLN A 298 25.94 -3.49 2.22
N ASP A 299 25.33 -4.58 1.75
CA ASP A 299 26.07 -5.72 1.22
C ASP A 299 26.42 -5.48 -0.25
N PRO A 300 27.69 -5.32 -0.62
CA PRO A 300 28.00 -5.06 -2.03
C PRO A 300 27.50 -6.14 -2.96
N ASP A 301 27.56 -7.41 -2.54
CA ASP A 301 27.09 -8.49 -3.39
C ASP A 301 25.60 -8.40 -3.66
N VAL A 302 24.83 -7.80 -2.75
CA VAL A 302 23.41 -7.56 -3.04
C VAL A 302 23.27 -6.43 -4.04
N ILE A 303 23.79 -5.25 -3.71
CA ILE A 303 23.43 -4.07 -4.50
C ILE A 303 24.18 -4.02 -5.82
N ASN A 304 25.25 -4.80 -5.97
CA ASN A 304 25.92 -4.92 -7.26
C ASN A 304 25.31 -5.97 -8.17
N THR A 305 24.21 -6.59 -7.76
CA THR A 305 23.54 -7.57 -8.63
C THR A 305 22.72 -6.84 -9.68
N ALA A 306 22.91 -7.19 -10.95
CA ALA A 306 22.17 -6.53 -12.03
C ALA A 306 20.76 -7.09 -12.13
N LEU A 307 19.81 -6.19 -12.33
CA LEU A 307 18.44 -6.61 -12.60
C LEU A 307 18.33 -7.13 -14.02
N PRO A 308 17.42 -8.06 -14.27
CA PRO A 308 17.22 -8.53 -15.65
C PRO A 308 16.74 -7.41 -16.55
N ILE A 309 17.22 -7.43 -17.78
CA ILE A 309 16.77 -6.49 -18.81
C ILE A 309 15.64 -7.16 -19.58
N GLU A 310 14.53 -6.45 -19.71
CA GLU A 310 13.36 -6.97 -20.41
C GLU A 310 13.48 -6.65 -21.89
N TYR A 311 13.52 -7.68 -22.72
CA TYR A 311 13.62 -7.45 -24.15
C TYR A 311 12.26 -7.04 -24.72
#